data_4GZQ
#
_entry.id   4GZQ
#
_cell.length_a   109.931
_cell.length_b   109.931
_cell.length_c   79.318
_cell.angle_alpha   90.00
_cell.angle_beta   90.00
_cell.angle_gamma   90.00
#
_symmetry.space_group_name_H-M   'P 4 21 2'
#
loop_
_entity.id
_entity.type
_entity.pdbx_description
1 polymer Nueraminidase
2 branched alpha-D-mannopyranose-(1-3)-[alpha-D-mannopyranose-(1-6)]beta-D-mannopyranose-(1-4)-2-acetamido-2-deoxy-beta-D-glucopyranose-(1-4)-2-acetamido-2-deoxy-beta-D-glucopyranose
3 non-polymer 'N-acetyl-alpha-neuraminic acid'
4 non-polymer 2-acetamido-2-deoxy-beta-D-glucopyranose
5 non-polymer 'CALCIUM ION'
6 water water
#
_entity_poly.entity_id   1
_entity_poly.type   'polypeptide(L)'
_entity_poly.pdbx_seq_one_letter_code
;GSPSRAEYRNWSKPQCDITGFAPFSKDNSIRLSAGGDIWVTREPYVSCDPDKCYQFALGQGTTLNNVHSNNTVRDRTPYR
TLLMNELGVPFHLGTKQVCIAWSSSSCHDGKAWLHVCITGDDKNATASFIYNGRLVDSVVSWSKEILRTQESECVCINGT
CTVVMTDGSASGKADTKILFIEEGKIVHTSTLSGSAQHVEECSCYPRYPGVRCVCRDNWKGSNRPIVDINIKDHSIVSSY
VCSGLVGDTPRKNDSSSSSHCLDPNNEEGGHGVKGWAFDDGNDVWMGRTINETSRLGYETFKVIEGWSNPKSKLQINRQV
IVDRGNRSGYSGIFSVEGKSCINRCFYVELIRGRKEETEVLWTSNSIVVFCGTSGTYGTGSWPDGADLNLMPI
;
_entity_poly.pdbx_strand_id   A
#
# COMPACT_ATOMS: atom_id res chain seq x y z
N ALA A 6 11.75 -17.88 19.81
CA ALA A 6 11.23 -17.08 18.66
C ALA A 6 11.95 -17.47 17.37
N GLU A 7 11.18 -17.89 16.37
CA GLU A 7 11.70 -18.42 15.11
C GLU A 7 11.37 -17.49 13.94
N TYR A 8 12.14 -17.59 12.86
CA TYR A 8 11.87 -16.86 11.63
C TYR A 8 10.60 -17.35 10.96
N ARG A 9 9.78 -16.39 10.53
CA ARG A 9 8.63 -16.63 9.66
C ARG A 9 9.09 -17.17 8.32
N ASN A 10 8.38 -18.19 7.85
CA ASN A 10 8.65 -18.80 6.55
C ASN A 10 7.44 -18.60 5.65
N TRP A 11 6.25 -18.52 6.26
CA TRP A 11 4.98 -18.44 5.54
C TRP A 11 4.73 -19.66 4.64
N SER A 12 5.28 -20.81 5.02
CA SER A 12 5.21 -22.03 4.22
C SER A 12 3.87 -22.75 4.32
N LYS A 13 2.79 -21.98 4.27
CA LYS A 13 1.44 -22.50 4.29
C LYS A 13 0.73 -22.07 3.01
N PRO A 14 -0.23 -22.90 2.54
CA PRO A 14 -1.04 -22.53 1.39
C PRO A 14 -1.93 -21.34 1.75
N GLN A 15 -2.41 -20.63 0.73
CA GLN A 15 -3.25 -19.46 0.93
C GLN A 15 -4.69 -19.82 1.30
N CYS A 16 -5.23 -19.18 2.35
CA CYS A 16 -6.59 -19.47 2.80
C CYS A 16 -7.61 -19.27 1.67
N ASP A 17 -8.69 -20.06 1.72
CA ASP A 17 -9.85 -19.89 0.86
C ASP A 17 -10.47 -18.53 1.10
N ILE A 18 -10.68 -17.77 0.04
CA ILE A 18 -11.34 -16.50 0.17
C ILE A 18 -12.66 -16.53 -0.61
N THR A 19 -13.73 -16.05 0.01
CA THR A 19 -15.00 -15.87 -0.68
C THR A 19 -15.35 -14.37 -0.67
N GLY A 20 -14.42 -13.59 -0.12
CA GLY A 20 -14.59 -12.16 0.03
C GLY A 20 -13.98 -11.68 1.34
N PHE A 21 -14.45 -10.54 1.82
CA PHE A 21 -13.80 -9.89 2.94
C PHE A 21 -14.77 -9.45 4.04
N ALA A 22 -14.32 -9.61 5.29
CA ALA A 22 -15.10 -9.22 6.46
C ALA A 22 -14.45 -7.99 7.13
N PRO A 23 -15.28 -7.12 7.74
CA PRO A 23 -14.70 -5.98 8.48
C PRO A 23 -13.65 -6.42 9.53
N PHE A 24 -12.59 -5.62 9.65
CA PHE A 24 -11.52 -5.88 10.61
C PHE A 24 -11.28 -4.70 11.56
N SER A 25 -11.15 -3.48 11.00
CA SER A 25 -10.71 -2.35 11.80
C SER A 25 -11.04 -0.99 11.18
N LYS A 26 -11.30 0.01 12.04
CA LYS A 26 -11.58 1.38 11.63
C LYS A 26 -11.21 2.38 12.75
N ASP A 27 -10.38 3.38 12.46
CA ASP A 27 -9.92 4.30 13.50
C ASP A 27 -10.69 5.64 13.62
N ASN A 28 -11.53 5.95 12.65
CA ASN A 28 -12.36 7.16 12.76
C ASN A 28 -11.50 8.39 13.11
N SER A 29 -10.20 8.28 12.82
CA SER A 29 -9.15 9.28 13.06
C SER A 29 -9.59 10.73 12.91
N ILE A 30 -10.22 11.03 11.78
CA ILE A 30 -10.63 12.41 11.44
C ILE A 30 -11.83 12.89 12.25
N ARG A 31 -12.76 11.99 12.51
CA ARG A 31 -13.89 12.28 13.39
C ARG A 31 -13.41 12.62 14.80
N LEU A 32 -12.45 11.84 15.26
CA LEU A 32 -11.83 12.05 16.57
C LEU A 32 -11.05 13.36 16.67
N SER A 33 -10.54 13.84 15.53
CA SER A 33 -9.66 15.00 15.52
C SER A 33 -10.42 16.33 15.57
N ALA A 34 -11.73 16.27 15.77
CA ALA A 34 -12.57 17.47 15.89
C ALA A 34 -12.72 17.84 17.36
N GLY A 35 -12.33 16.92 18.23
CA GLY A 35 -12.32 17.14 19.68
C GLY A 35 -11.31 16.18 20.26
N GLY A 36 -10.04 16.57 20.18
CA GLY A 36 -8.95 15.65 20.50
C GLY A 36 -7.75 15.90 19.62
N ASP A 37 -6.58 15.47 20.11
CA ASP A 37 -5.34 15.77 19.42
C ASP A 37 -4.85 14.56 18.66
N ILE A 38 -5.24 14.50 17.39
CA ILE A 38 -4.88 13.41 16.50
C ILE A 38 -3.91 13.91 15.43
N TRP A 39 -2.94 13.09 15.11
CA TRP A 39 -2.00 13.32 14.02
C TRP A 39 -2.67 13.59 12.67
N VAL A 40 -2.05 14.49 11.92
CA VAL A 40 -2.35 14.67 10.51
C VAL A 40 -1.43 13.71 9.77
N THR A 41 -1.98 12.88 8.89
CA THR A 41 -1.16 11.81 8.26
C THR A 41 -1.58 11.49 6.82
N ARG A 42 -0.83 10.59 6.19
CA ARG A 42 -1.21 9.99 4.91
C ARG A 42 -0.39 8.75 4.60
N GLU A 43 -0.64 8.13 3.45
CA GLU A 43 0.10 6.96 3.00
C GLU A 43 0.19 5.96 4.15
N PRO A 44 -0.96 5.50 4.69
CA PRO A 44 -0.95 4.63 5.83
C PRO A 44 -0.80 3.16 5.41
N TYR A 45 -0.60 2.27 6.38
CA TYR A 45 -0.59 0.84 6.10
C TYR A 45 -0.67 0.00 7.38
N VAL A 46 -0.76 -1.32 7.20
CA VAL A 46 -1.02 -2.26 8.28
C VAL A 46 -0.10 -3.42 8.04
N SER A 47 0.68 -3.79 9.05
CA SER A 47 1.50 -5.00 9.08
C SER A 47 1.33 -5.54 10.49
N CYS A 48 1.64 -6.82 10.66
CA CYS A 48 1.45 -7.47 11.94
C CYS A 48 2.65 -8.33 12.25
N ASP A 49 2.94 -8.46 13.54
CA ASP A 49 3.91 -9.41 14.03
C ASP A 49 3.17 -10.73 14.21
N PRO A 50 3.89 -11.82 14.56
CA PRO A 50 3.31 -13.12 14.85
C PRO A 50 2.10 -13.08 15.78
N ASP A 51 2.08 -12.12 16.69
CA ASP A 51 1.03 -12.05 17.72
C ASP A 51 -0.12 -11.16 17.33
N LYS A 52 0.15 -10.00 16.77
CA LYS A 52 -0.86 -8.94 16.64
C LYS A 52 -0.54 -7.89 15.55
N CYS A 53 -1.51 -7.05 15.22
CA CYS A 53 -1.40 -6.13 14.09
C CYS A 53 -1.22 -4.68 14.49
N TYR A 54 -0.52 -3.93 13.64
CA TYR A 54 -0.16 -2.54 13.85
C TYR A 54 -0.58 -1.69 12.64
N GLN A 55 -0.92 -0.44 12.89
CA GLN A 55 -1.23 0.49 11.83
C GLN A 55 -0.13 1.56 11.75
N PHE A 56 0.40 1.73 10.54
CA PHE A 56 1.44 2.68 10.28
C PHE A 56 0.85 3.76 9.38
N ALA A 57 1.33 4.98 9.54
CA ALA A 57 1.16 6.02 8.53
C ALA A 57 2.35 6.99 8.61
N LEU A 58 2.50 7.82 7.58
CA LEU A 58 3.47 8.93 7.60
C LEU A 58 2.81 10.19 8.14
N GLY A 59 3.43 10.78 9.15
CA GLY A 59 2.87 11.95 9.81
C GLY A 59 3.28 13.23 9.12
N GLN A 60 2.69 14.34 9.55
CA GLN A 60 3.11 15.63 9.02
C GLN A 60 3.77 16.51 10.09
N GLY A 61 4.25 15.87 11.15
CA GLY A 61 4.93 16.55 12.24
C GLY A 61 4.00 17.51 12.94
N THR A 62 2.72 17.13 12.99
CA THR A 62 1.67 18.02 13.48
C THR A 62 0.39 17.24 13.77
N THR A 63 -0.47 17.85 14.59
CA THR A 63 -1.79 17.32 14.86
C THR A 63 -2.76 18.06 13.97
N LEU A 64 -4.06 17.76 14.08
CA LEU A 64 -5.01 18.36 13.16
C LEU A 64 -5.44 19.74 13.61
N ASN A 65 -6.01 19.83 14.81
CA ASN A 65 -6.26 21.12 15.43
C ASN A 65 -4.95 21.69 15.96
N ASN A 66 -4.32 22.52 15.13
CA ASN A 66 -2.90 22.85 15.21
C ASN A 66 -2.60 23.70 13.99
N VAL A 67 -1.81 24.77 14.15
CA VAL A 67 -1.59 25.71 13.05
C VAL A 67 -0.71 25.13 11.94
N HIS A 68 0.10 24.13 12.31
CA HIS A 68 0.99 23.49 11.35
C HIS A 68 0.31 22.47 10.46
N SER A 69 -1.02 22.41 10.50
CA SER A 69 -1.77 21.49 9.64
C SER A 69 -2.05 22.11 8.27
N ASN A 70 -1.97 23.44 8.22
CA ASN A 70 -2.08 24.23 6.98
C ASN A 70 -1.02 23.79 5.97
N ASN A 71 -1.48 23.51 4.75
CA ASN A 71 -0.62 23.12 3.64
C ASN A 71 0.05 21.73 3.77
N THR A 72 -0.55 20.84 4.57
CA THR A 72 -0.05 19.45 4.68
C THR A 72 -0.45 18.57 3.48
N VAL A 73 -0.90 19.25 2.43
CA VAL A 73 -1.13 18.64 1.11
C VAL A 73 0.16 18.17 0.45
N ARG A 74 1.30 18.69 0.91
CA ARG A 74 2.63 18.35 0.37
C ARG A 74 3.05 16.92 0.78
N ASP A 75 3.84 16.27 -0.07
CA ASP A 75 4.22 14.86 0.14
C ASP A 75 5.53 14.67 0.88
N ARG A 76 6.48 15.59 0.70
CA ARG A 76 7.78 15.48 1.36
C ARG A 76 8.18 16.75 2.13
N THR A 77 8.16 16.64 3.47
CA THR A 77 8.77 17.63 4.36
C THR A 77 9.77 16.94 5.29
N PRO A 78 10.67 17.73 5.93
CA PRO A 78 11.59 17.17 6.92
C PRO A 78 10.86 16.70 8.20
N TYR A 79 9.62 17.17 8.38
CA TYR A 79 8.86 16.91 9.60
C TYR A 79 8.01 15.63 9.58
N ARG A 80 8.12 14.83 8.52
CA ARG A 80 7.32 13.62 8.39
C ARG A 80 8.03 12.44 9.01
N THR A 81 7.27 11.66 9.78
CA THR A 81 7.80 10.46 10.44
C THR A 81 6.88 9.26 10.24
N LEU A 82 7.43 8.06 10.23
CA LEU A 82 6.62 6.86 10.29
C LEU A 82 6.03 6.68 11.69
N LEU A 83 4.70 6.73 11.77
CA LEU A 83 3.95 6.50 13.02
C LEU A 83 3.59 5.02 13.17
N MET A 84 3.54 4.54 14.40
CA MET A 84 3.23 3.13 14.62
C MET A 84 2.48 2.89 15.92
N ASN A 85 1.25 2.39 15.78
CA ASN A 85 0.37 2.06 16.91
C ASN A 85 -0.09 0.62 16.68
N GLU A 86 -0.64 -0.01 17.71
CA GLU A 86 -1.37 -1.26 17.51
C GLU A 86 -2.65 -0.92 16.74
N LEU A 87 -3.09 -1.84 15.87
CA LEU A 87 -4.26 -1.61 15.05
C LEU A 87 -5.49 -1.32 15.93
N GLY A 88 -6.13 -0.18 15.68
CA GLY A 88 -7.29 0.22 16.45
C GLY A 88 -7.07 1.47 17.28
N VAL A 89 -5.82 1.68 17.68
CA VAL A 89 -5.45 2.87 18.43
C VAL A 89 -5.25 3.99 17.41
N PRO A 90 -6.04 5.06 17.52
CA PRO A 90 -5.81 6.18 16.60
C PRO A 90 -4.51 6.90 16.95
N PHE A 91 -3.99 7.69 16.02
CA PHE A 91 -2.67 8.25 16.19
C PHE A 91 -2.71 9.47 17.10
N HIS A 92 -2.64 9.18 18.41
CA HIS A 92 -2.67 10.19 19.46
C HIS A 92 -1.25 10.67 19.82
N LEU A 93 -1.14 11.52 20.83
CA LEU A 93 0.16 12.12 21.17
C LEU A 93 1.17 11.16 21.77
N GLY A 94 0.72 9.99 22.20
CA GLY A 94 1.61 8.99 22.74
C GLY A 94 2.04 8.01 21.66
N THR A 95 1.70 8.34 20.42
CA THR A 95 2.07 7.51 19.27
C THR A 95 3.56 7.57 19.01
N LYS A 96 4.18 6.41 18.84
CA LYS A 96 5.59 6.31 18.53
C LYS A 96 5.95 6.61 17.07
N GLN A 97 6.70 7.70 16.86
CA GLN A 97 7.36 7.99 15.58
C GLN A 97 8.62 7.15 15.50
N VAL A 98 8.61 6.12 14.66
CA VAL A 98 9.66 5.09 14.72
C VAL A 98 10.87 5.40 13.82
N CYS A 99 10.70 6.43 12.99
CA CYS A 99 11.76 6.95 12.13
C CYS A 99 11.28 8.17 11.37
N ILE A 100 12.26 8.90 10.83
CA ILE A 100 12.05 9.99 9.89
C ILE A 100 11.77 9.37 8.51
N ALA A 101 10.65 9.77 7.91
CA ALA A 101 10.26 9.24 6.61
C ALA A 101 9.16 10.03 5.91
N TRP A 102 9.38 10.41 4.65
CA TRP A 102 8.26 10.77 3.76
C TRP A 102 7.96 9.62 2.76
N SER A 103 8.55 8.47 3.03
CA SER A 103 8.32 7.24 2.29
C SER A 103 8.88 6.10 3.14
N SER A 104 8.13 5.00 3.24
CA SER A 104 8.49 3.90 4.13
C SER A 104 7.87 2.55 3.75
N SER A 105 8.45 1.48 4.30
CA SER A 105 7.88 0.14 4.31
C SER A 105 8.34 -0.59 5.61
N SER A 106 7.47 -1.45 6.14
CA SER A 106 7.77 -2.14 7.42
C SER A 106 7.37 -3.60 7.38
N CYS A 107 8.11 -4.44 8.10
CA CYS A 107 7.78 -5.88 8.16
C CYS A 107 8.50 -6.58 9.31
N HIS A 108 7.86 -7.63 9.81
CA HIS A 108 8.39 -8.41 10.90
C HIS A 108 8.81 -9.77 10.33
N ASP A 109 10.00 -10.23 10.71
CA ASP A 109 10.53 -11.49 10.20
C ASP A 109 10.28 -12.64 11.17
N GLY A 110 9.49 -12.37 12.20
CA GLY A 110 9.25 -13.36 13.23
C GLY A 110 10.15 -13.28 14.46
N LYS A 111 11.11 -12.35 14.44
CA LYS A 111 11.98 -12.05 15.58
C LYS A 111 11.91 -10.56 15.96
N ALA A 112 11.96 -9.71 14.94
CA ALA A 112 12.01 -8.26 15.14
C ALA A 112 11.43 -7.45 14.00
N TRP A 113 11.32 -6.14 14.20
CA TRP A 113 10.80 -5.24 13.20
C TRP A 113 11.85 -4.71 12.24
N LEU A 114 11.48 -4.61 10.95
CA LEU A 114 12.23 -3.85 9.96
C LEU A 114 11.45 -2.62 9.54
N HIS A 115 12.13 -1.48 9.50
CA HIS A 115 11.56 -0.29 8.91
C HIS A 115 12.51 0.20 7.83
N VAL A 116 11.96 0.52 6.68
CA VAL A 116 12.73 1.08 5.60
C VAL A 116 12.19 2.51 5.52
N CYS A 117 13.04 3.47 5.86
CA CYS A 117 12.61 4.87 6.03
C CYS A 117 13.44 5.78 5.15
N ILE A 118 12.75 6.64 4.42
CA ILE A 118 13.34 7.48 3.40
C ILE A 118 12.99 8.92 3.71
N THR A 119 14.00 9.78 3.75
CA THR A 119 13.83 11.20 4.02
C THR A 119 15.06 11.90 3.39
N GLY A 120 14.98 13.24 3.30
CA GLY A 120 16.06 14.03 2.74
C GLY A 120 15.64 14.77 1.48
N ASP A 121 16.57 15.55 0.93
CA ASP A 121 16.39 16.25 -0.35
C ASP A 121 15.79 15.35 -1.43
N ASP A 122 14.89 15.91 -2.22
CA ASP A 122 14.28 15.25 -3.37
C ASP A 122 15.32 14.63 -4.28
N LYS A 123 16.38 15.39 -4.57
CA LYS A 123 17.43 14.96 -5.50
C LYS A 123 18.59 14.21 -4.84
N ASN A 124 18.44 13.86 -3.56
CA ASN A 124 19.52 13.16 -2.83
C ASN A 124 19.04 12.44 -1.57
N ALA A 125 17.85 11.86 -1.64
CA ALA A 125 17.22 11.25 -0.47
C ALA A 125 18.12 10.21 0.17
N THR A 126 17.99 10.08 1.49
CA THR A 126 18.59 8.98 2.21
C THR A 126 17.50 8.01 2.61
N ALA A 127 17.82 6.71 2.56
CA ALA A 127 16.93 5.71 3.12
C ALA A 127 17.65 4.90 4.19
N SER A 128 17.02 4.80 5.35
CA SER A 128 17.61 4.15 6.53
C SER A 128 16.92 2.83 6.81
N PHE A 129 17.71 1.80 7.10
CA PHE A 129 17.17 0.49 7.42
C PHE A 129 17.33 0.22 8.89
N ILE A 130 16.20 0.16 9.60
CA ILE A 130 16.19 -0.04 11.04
C ILE A 130 15.63 -1.40 11.42
N TYR A 131 16.45 -2.20 12.06
CA TYR A 131 16.02 -3.51 12.52
C TYR A 131 16.24 -3.63 14.01
N ASN A 132 15.23 -4.17 14.70
CA ASN A 132 15.28 -4.48 16.12
C ASN A 132 15.78 -3.29 16.92
N GLY A 133 15.20 -2.12 16.63
CA GLY A 133 15.43 -0.90 17.38
C GLY A 133 16.75 -0.18 17.15
N ARG A 134 17.45 -0.56 16.09
CA ARG A 134 18.74 0.06 15.74
C ARG A 134 18.98 0.22 14.23
N LEU A 135 19.69 1.27 13.84
CA LEU A 135 20.13 1.46 12.47
C LEU A 135 21.23 0.47 12.09
N VAL A 136 20.97 -0.35 11.07
CA VAL A 136 21.92 -1.38 10.62
C VAL A 136 22.52 -1.03 9.25
N ASP A 137 21.78 -0.28 8.44
CA ASP A 137 22.27 0.13 7.13
C ASP A 137 21.59 1.42 6.64
N SER A 138 22.12 1.95 5.55
CA SER A 138 21.43 2.96 4.77
C SER A 138 21.95 2.90 3.33
N VAL A 139 21.23 3.59 2.43
CA VAL A 139 21.65 3.73 1.05
C VAL A 139 21.24 5.10 0.50
N VAL A 140 22.09 5.69 -0.35
CA VAL A 140 21.71 6.91 -1.07
C VAL A 140 20.74 6.61 -2.18
N SER A 141 19.95 7.61 -2.50
CA SER A 141 19.25 7.69 -3.76
C SER A 141 20.25 7.50 -4.90
N TRP A 142 19.94 6.58 -5.82
CA TRP A 142 20.87 6.20 -6.90
C TRP A 142 20.73 6.99 -8.19
N SER A 143 19.55 7.55 -8.41
CA SER A 143 19.24 8.27 -9.64
C SER A 143 18.76 9.68 -9.35
N LYS A 144 18.89 10.11 -8.10
CA LYS A 144 18.73 11.52 -7.69
C LYS A 144 17.43 12.17 -8.13
N GLU A 145 16.35 11.39 -8.13
CA GLU A 145 15.01 11.92 -8.39
C GLU A 145 13.98 11.20 -7.52
N ILE A 146 13.88 11.64 -6.26
CA ILE A 146 12.85 11.18 -5.32
C ILE A 146 12.83 9.65 -5.10
N LEU A 147 13.88 9.13 -4.48
CA LEU A 147 13.91 7.71 -4.09
C LEU A 147 12.76 7.46 -3.13
N ARG A 148 11.90 6.52 -3.47
CA ARG A 148 10.64 6.28 -2.76
C ARG A 148 10.39 4.78 -2.73
N THR A 149 9.43 4.32 -1.93
CA THR A 149 9.15 2.88 -1.78
C THR A 149 7.64 2.54 -1.60
N GLN A 150 7.36 1.39 -0.97
CA GLN A 150 6.08 0.69 -1.04
C GLN A 150 4.85 1.39 -0.47
N GLU A 151 5.03 2.20 0.59
CA GLU A 151 3.94 2.73 1.42
C GLU A 151 2.97 1.64 1.94
N SER A 152 3.51 0.42 2.07
CA SER A 152 2.84 -0.69 2.72
C SER A 152 3.90 -1.73 3.13
N GLU A 153 3.48 -2.87 3.69
CA GLU A 153 4.44 -3.79 4.33
C GLU A 153 5.42 -4.46 3.39
N CYS A 154 6.67 -4.57 3.81
CA CYS A 154 7.59 -5.42 3.07
C CYS A 154 7.27 -6.88 3.43
N VAL A 155 8.02 -7.83 2.90
CA VAL A 155 7.82 -9.24 3.21
C VAL A 155 9.14 -9.92 3.51
N CYS A 156 9.16 -10.75 4.57
CA CYS A 156 10.35 -11.47 4.98
C CYS A 156 10.05 -12.95 4.93
N ILE A 157 11.05 -13.76 4.57
CA ILE A 157 10.93 -15.22 4.54
C ILE A 157 12.26 -15.78 5.02
N ASN A 158 12.22 -16.73 5.95
CA ASN A 158 13.41 -17.33 6.58
C ASN A 158 14.41 -16.27 7.05
N GLY A 159 13.92 -15.04 7.22
CA GLY A 159 14.71 -13.95 7.81
C GLY A 159 15.55 -13.24 6.78
N THR A 160 15.14 -13.37 5.51
CA THR A 160 15.56 -12.48 4.45
C THR A 160 14.32 -11.68 4.12
N CYS A 161 14.44 -10.35 4.17
CA CYS A 161 13.33 -9.45 3.87
C CYS A 161 13.54 -8.80 2.52
N THR A 162 12.46 -8.63 1.78
CA THR A 162 12.56 -7.98 0.52
C THR A 162 11.74 -6.68 0.50
N VAL A 163 12.29 -5.66 -0.14
CA VAL A 163 11.57 -4.41 -0.37
C VAL A 163 11.88 -3.92 -1.78
N VAL A 164 10.90 -3.29 -2.41
CA VAL A 164 11.03 -2.73 -3.75
C VAL A 164 11.04 -1.21 -3.66
N MET A 165 12.07 -0.57 -4.22
CA MET A 165 12.20 0.91 -4.24
C MET A 165 12.36 1.50 -5.65
N THR A 166 11.98 2.76 -5.82
CA THR A 166 12.03 3.42 -7.11
C THR A 166 12.64 4.83 -7.03
N ASP A 167 13.60 5.09 -7.90
CA ASP A 167 14.27 6.37 -8.04
C ASP A 167 14.27 6.63 -9.52
N GLY A 168 13.81 7.81 -9.92
CA GLY A 168 13.67 8.15 -11.33
C GLY A 168 12.39 8.93 -11.60
N SER A 169 11.99 8.94 -12.87
CA SER A 169 10.84 9.73 -13.34
C SER A 169 9.49 9.23 -12.84
N ALA A 170 8.55 10.17 -12.68
CA ALA A 170 7.18 9.82 -12.33
C ALA A 170 6.33 9.51 -13.57
N SER A 171 6.71 10.09 -14.73
CA SER A 171 5.94 9.94 -15.95
C SER A 171 6.82 9.61 -17.15
N GLY A 172 7.75 8.70 -16.91
CA GLY A 172 8.68 8.19 -17.90
C GLY A 172 9.44 7.04 -17.26
N LYS A 173 10.45 6.52 -17.95
CA LYS A 173 11.31 5.46 -17.41
C LYS A 173 11.96 5.88 -16.09
N ALA A 174 11.93 4.99 -15.11
CA ALA A 174 12.61 5.22 -13.83
C ALA A 174 13.42 3.97 -13.46
N ASP A 175 14.22 4.07 -12.40
CA ASP A 175 15.10 2.99 -11.96
C ASP A 175 14.57 2.32 -10.68
N THR A 176 14.07 1.10 -10.86
CA THR A 176 13.46 0.33 -9.79
C THR A 176 14.39 -0.78 -9.36
N LYS A 177 14.58 -0.91 -8.05
CA LYS A 177 15.42 -1.97 -7.49
C LYS A 177 14.68 -2.73 -6.42
N ILE A 178 15.16 -3.94 -6.14
CA ILE A 178 14.58 -4.81 -5.14
C ILE A 178 15.69 -5.23 -4.17
N LEU A 179 15.61 -4.72 -2.94
CA LEU A 179 16.62 -5.03 -1.94
C LEU A 179 16.28 -6.26 -1.11
N PHE A 180 17.32 -6.97 -0.70
CA PHE A 180 17.24 -8.10 0.20
C PHE A 180 17.97 -7.74 1.47
N ILE A 181 17.26 -7.83 2.58
CA ILE A 181 17.73 -7.32 3.86
C ILE A 181 17.64 -8.42 4.90
N GLU A 182 18.77 -8.72 5.53
CA GLU A 182 18.85 -9.78 6.53
C GLU A 182 19.37 -9.25 7.86
N GLU A 183 18.45 -9.07 8.81
CA GLU A 183 18.73 -8.48 10.13
C GLU A 183 19.14 -7.01 10.03
N GLY A 184 18.47 -6.29 9.13
CA GLY A 184 18.73 -4.87 8.90
C GLY A 184 19.80 -4.63 7.84
N LYS A 185 20.53 -5.69 7.49
CA LYS A 185 21.67 -5.55 6.58
C LYS A 185 21.34 -5.85 5.11
N ILE A 186 21.35 -4.80 4.29
CA ILE A 186 21.25 -4.93 2.82
C ILE A 186 22.30 -5.91 2.29
N VAL A 187 21.87 -7.10 1.90
CA VAL A 187 22.78 -8.19 1.53
C VAL A 187 22.84 -8.44 0.02
N HIS A 188 21.82 -8.00 -0.69
CA HIS A 188 21.85 -8.05 -2.15
C HIS A 188 20.95 -6.96 -2.67
N THR A 189 21.29 -6.43 -3.83
CA THR A 189 20.40 -5.58 -4.58
C THR A 189 20.25 -6.21 -5.97
N SER A 190 19.02 -6.60 -6.31
CA SER A 190 18.67 -6.94 -7.69
C SER A 190 17.99 -5.74 -8.34
N THR A 191 18.15 -5.60 -9.65
CA THR A 191 17.52 -4.48 -10.38
C THR A 191 16.29 -4.98 -11.13
N LEU A 192 15.33 -4.08 -11.38
CA LEU A 192 14.08 -4.47 -12.05
C LEU A 192 14.31 -4.99 -13.45
N SER A 193 13.74 -6.16 -13.72
CA SER A 193 13.86 -6.87 -14.97
C SER A 193 12.45 -7.28 -15.41
N GLY A 194 12.27 -7.59 -16.70
CA GLY A 194 10.98 -8.10 -17.20
C GLY A 194 10.12 -7.04 -17.88
N SER A 195 8.87 -7.41 -18.17
CA SER A 195 8.05 -6.58 -19.05
C SER A 195 7.34 -5.40 -18.36
N ALA A 196 7.48 -5.32 -17.03
CA ALA A 196 6.94 -4.17 -16.28
C ALA A 196 7.68 -2.88 -16.67
N GLN A 197 6.95 -1.81 -16.96
CA GLN A 197 7.60 -0.61 -17.48
C GLN A 197 7.77 0.51 -16.47
N HIS A 198 6.76 0.69 -15.63
CA HIS A 198 6.82 1.62 -14.54
C HIS A 198 6.21 0.98 -13.29
N VAL A 199 6.85 1.20 -12.15
CA VAL A 199 6.61 0.39 -10.96
C VAL A 199 6.87 1.20 -9.71
N GLU A 200 5.83 1.35 -8.90
CA GLU A 200 5.84 2.16 -7.70
C GLU A 200 4.91 1.57 -6.66
N GLU A 201 5.26 1.79 -5.40
CA GLU A 201 4.34 1.60 -4.27
C GLU A 201 3.73 0.22 -4.30
N CYS A 202 4.57 -0.79 -4.40
CA CYS A 202 4.09 -2.14 -4.53
C CYS A 202 3.40 -2.62 -3.26
N SER A 203 2.37 -3.43 -3.48
CA SER A 203 1.73 -4.15 -2.42
C SER A 203 2.19 -5.59 -2.55
N CYS A 204 3.18 -5.96 -1.73
CA CYS A 204 3.76 -7.30 -1.81
C CYS A 204 3.17 -8.24 -0.77
N TYR A 205 3.31 -9.55 -1.01
CA TYR A 205 2.82 -10.59 -0.14
C TYR A 205 3.61 -11.91 -0.31
N PRO A 206 3.68 -12.75 0.76
CA PRO A 206 4.39 -14.04 0.69
C PRO A 206 3.71 -15.19 -0.08
N ARG A 207 4.07 -15.34 -1.35
CA ARG A 207 3.60 -16.48 -2.14
C ARG A 207 4.68 -17.58 -2.17
N TYR A 208 4.88 -18.22 -1.02
CA TYR A 208 5.94 -19.23 -0.85
C TYR A 208 6.21 -20.03 -2.13
N PRO A 209 7.50 -20.20 -2.50
CA PRO A 209 8.70 -19.85 -1.74
C PRO A 209 9.25 -18.45 -2.03
N GLY A 210 8.44 -17.61 -2.67
CA GLY A 210 8.85 -16.24 -3.00
C GLY A 210 7.85 -15.18 -2.61
N VAL A 211 7.96 -14.02 -3.26
CA VAL A 211 7.16 -12.85 -2.93
C VAL A 211 6.58 -12.31 -4.23
N ARG A 212 5.36 -11.77 -4.13
CA ARG A 212 4.64 -11.19 -5.24
C ARG A 212 4.15 -9.80 -4.86
N CYS A 213 4.23 -8.87 -5.82
CA CYS A 213 3.80 -7.50 -5.60
C CYS A 213 2.87 -7.09 -6.73
N VAL A 214 1.95 -6.18 -6.43
CA VAL A 214 1.04 -5.64 -7.42
C VAL A 214 1.12 -4.15 -7.25
N CYS A 215 1.61 -3.48 -8.30
CA CYS A 215 2.12 -2.16 -8.11
C CYS A 215 1.28 -1.09 -8.77
N ARG A 216 1.91 0.07 -8.91
CA ARG A 216 1.31 1.22 -9.57
C ARG A 216 2.28 1.65 -10.69
N ASP A 217 1.76 1.65 -11.91
CA ASP A 217 2.44 2.22 -13.06
C ASP A 217 1.91 3.65 -13.20
N ASN A 218 2.77 4.65 -13.00
CA ASN A 218 2.37 6.05 -13.07
C ASN A 218 2.46 6.66 -14.47
N TRP A 219 2.98 5.87 -15.41
CA TRP A 219 3.35 6.37 -16.74
C TRP A 219 2.35 6.04 -17.88
N LYS A 220 2.38 4.79 -18.35
CA LYS A 220 1.59 4.41 -19.53
C LYS A 220 0.49 3.36 -19.24
N GLY A 221 0.48 2.79 -18.05
CA GLY A 221 -0.51 1.77 -17.70
C GLY A 221 -1.64 2.23 -16.79
N SER A 222 -2.79 1.59 -16.96
CA SER A 222 -3.88 1.68 -15.98
C SER A 222 -4.19 0.29 -15.43
N ASN A 223 -3.53 -0.72 -16.00
CA ASN A 223 -3.44 -2.03 -15.37
C ASN A 223 -2.26 -2.02 -14.41
N ARG A 224 -2.35 -2.81 -13.35
CA ARG A 224 -1.31 -2.81 -12.33
C ARG A 224 -0.18 -3.75 -12.73
N PRO A 225 1.07 -3.32 -12.51
CA PRO A 225 2.25 -4.17 -12.71
C PRO A 225 2.37 -5.29 -11.67
N ILE A 226 3.01 -6.39 -12.04
CA ILE A 226 3.32 -7.47 -11.11
C ILE A 226 4.83 -7.74 -11.12
N VAL A 227 5.41 -7.86 -9.94
CA VAL A 227 6.83 -8.15 -9.81
C VAL A 227 6.98 -9.39 -8.93
N ASP A 228 7.77 -10.36 -9.40
CA ASP A 228 7.95 -11.63 -8.68
C ASP A 228 9.37 -11.80 -8.16
N ILE A 229 9.48 -11.76 -6.84
CA ILE A 229 10.78 -11.77 -6.19
C ILE A 229 11.08 -13.20 -5.74
N ASN A 230 12.22 -13.72 -6.20
CA ASN A 230 12.75 -15.02 -5.74
C ASN A 230 13.73 -14.78 -4.60
N ILE A 231 13.39 -15.28 -3.42
CA ILE A 231 14.14 -14.92 -2.23
C ILE A 231 15.52 -15.61 -2.15
N LYS A 232 15.64 -16.79 -2.74
CA LYS A 232 16.82 -17.63 -2.54
C LYS A 232 17.93 -17.32 -3.55
N ASP A 233 17.56 -16.78 -4.71
CA ASP A 233 18.51 -16.59 -5.81
C ASP A 233 18.48 -15.17 -6.36
N HIS A 234 17.60 -14.34 -5.81
CA HIS A 234 17.53 -12.89 -6.10
C HIS A 234 17.03 -12.49 -7.49
N SER A 235 16.68 -13.49 -8.30
CA SER A 235 16.12 -13.26 -9.62
C SER A 235 14.74 -12.60 -9.55
N ILE A 236 14.46 -11.78 -10.56
CA ILE A 236 13.25 -10.97 -10.65
C ILE A 236 12.57 -11.25 -12.00
N VAL A 237 11.25 -11.40 -12.00
CA VAL A 237 10.46 -11.36 -13.24
C VAL A 237 9.35 -10.36 -13.03
N SER A 238 8.85 -9.76 -14.11
CA SER A 238 7.78 -8.78 -13.97
C SER A 238 6.80 -8.75 -15.13
N SER A 239 5.62 -8.19 -14.89
CA SER A 239 4.56 -8.12 -15.90
C SER A 239 3.41 -7.20 -15.45
N TYR A 240 2.21 -7.48 -15.96
CA TYR A 240 1.00 -6.80 -15.54
C TYR A 240 -0.14 -7.78 -15.22
N VAL A 241 -1.14 -7.30 -14.47
CA VAL A 241 -2.37 -8.04 -14.18
C VAL A 241 -3.25 -8.13 -15.42
N CYS A 242 -3.31 -9.35 -15.96
CA CYS A 242 -4.07 -9.70 -17.15
C CYS A 242 -5.47 -9.08 -17.15
N SER A 243 -6.24 -9.41 -16.11
CA SER A 243 -7.63 -8.99 -15.95
C SER A 243 -8.05 -7.76 -16.75
N GLY A 244 -9.03 -7.97 -17.64
CA GLY A 244 -9.60 -6.92 -18.47
C GLY A 244 -10.33 -5.84 -17.69
N LEU A 245 -10.70 -6.16 -16.45
CA LEU A 245 -11.11 -5.15 -15.46
C LEU A 245 -9.85 -4.73 -14.69
N VAL A 246 -9.56 -3.43 -14.71
CA VAL A 246 -8.27 -2.92 -14.25
C VAL A 246 -8.37 -2.10 -12.94
N GLY A 247 -7.29 -2.13 -12.15
CA GLY A 247 -7.30 -1.62 -10.77
C GLY A 247 -6.70 -0.27 -10.47
N ASP A 248 -5.90 0.26 -11.39
CA ASP A 248 -5.36 1.62 -11.22
C ASP A 248 -6.48 2.64 -11.38
N THR A 249 -6.18 3.89 -10.99
CA THR A 249 -7.08 5.02 -11.10
C THR A 249 -6.16 6.22 -11.31
N PRO A 250 -6.32 6.96 -12.43
CA PRO A 250 -7.38 6.92 -13.46
C PRO A 250 -7.39 5.69 -14.37
N ARG A 251 -8.49 5.54 -15.10
CA ARG A 251 -8.67 4.45 -16.07
C ARG A 251 -9.87 4.74 -16.96
N LYS A 252 -10.06 3.89 -17.96
CA LYS A 252 -11.28 3.92 -18.76
C LYS A 252 -12.41 3.18 -18.04
N ASN A 253 -13.62 3.25 -18.57
CA ASN A 253 -14.76 2.57 -17.95
C ASN A 253 -14.78 1.06 -18.20
N ASP A 254 -15.76 0.37 -17.63
CA ASP A 254 -15.85 -1.09 -17.73
C ASP A 254 -16.00 -1.60 -19.17
N SER A 255 -16.76 -0.87 -19.99
CA SER A 255 -16.98 -1.26 -21.38
C SER A 255 -15.82 -0.85 -22.28
N SER A 256 -15.23 0.31 -22.00
CA SER A 256 -14.16 0.90 -22.84
C SER A 256 -12.75 0.47 -22.48
N SER A 257 -12.55 -0.04 -21.26
CA SER A 257 -11.23 -0.46 -20.78
C SER A 257 -10.71 -1.70 -21.53
N SER A 258 -9.40 -1.93 -21.44
CA SER A 258 -8.76 -3.19 -21.85
C SER A 258 -7.40 -3.30 -21.15
N SER A 259 -6.77 -4.47 -21.22
CA SER A 259 -5.52 -4.75 -20.53
C SER A 259 -4.61 -5.68 -21.34
N HIS A 260 -3.42 -5.94 -20.82
CA HIS A 260 -2.43 -6.81 -21.45
C HIS A 260 -1.75 -7.51 -20.29
N CYS A 261 -1.31 -8.75 -20.49
CA CYS A 261 -0.57 -9.46 -19.44
C CYS A 261 0.89 -9.01 -19.32
N LEU A 262 1.40 -8.30 -20.34
CA LEU A 262 2.84 -7.97 -20.43
C LEU A 262 3.17 -6.47 -20.53
N ASP A 263 2.22 -5.65 -20.99
CA ASP A 263 2.51 -4.24 -21.32
C ASP A 263 1.58 -3.24 -20.63
N PRO A 264 2.02 -1.98 -20.47
CA PRO A 264 1.00 -0.98 -20.14
C PRO A 264 -0.06 -0.95 -21.24
N ASN A 265 -1.29 -0.62 -20.88
CA ASN A 265 -2.39 -0.60 -21.83
C ASN A 265 -2.59 0.77 -22.49
N ASN A 266 -1.75 1.74 -22.13
CA ASN A 266 -1.84 3.11 -22.68
C ASN A 266 -3.23 3.71 -22.60
N GLU A 267 -3.94 3.39 -21.53
CA GLU A 267 -5.32 3.85 -21.33
C GLU A 267 -5.39 4.73 -20.09
N GLU A 268 -5.36 6.04 -20.30
CA GLU A 268 -5.35 7.04 -19.22
C GLU A 268 -4.18 6.87 -18.24
N GLY A 269 -3.14 6.16 -18.68
CA GLY A 269 -2.05 5.66 -17.82
C GLY A 269 -1.28 6.66 -16.98
N GLY A 270 -1.27 7.92 -17.39
CA GLY A 270 -0.65 8.98 -16.60
C GLY A 270 -1.19 8.91 -15.19
N HIS A 271 -0.34 9.18 -14.20
CA HIS A 271 -0.74 9.12 -12.81
C HIS A 271 -1.07 7.68 -12.36
N GLY A 272 -1.74 7.59 -11.22
CA GLY A 272 -2.11 6.33 -10.62
C GLY A 272 -2.59 6.54 -9.20
N VAL A 273 -2.69 5.43 -8.50
CA VAL A 273 -3.02 5.39 -7.09
C VAL A 273 -2.47 4.05 -6.62
N LYS A 274 -2.02 4.02 -5.36
CA LYS A 274 -1.52 2.78 -4.80
C LYS A 274 -2.71 1.88 -4.58
N GLY A 275 -2.49 0.58 -4.81
CA GLY A 275 -3.56 -0.41 -4.87
C GLY A 275 -2.95 -1.79 -4.81
N TRP A 276 -3.78 -2.82 -4.90
CA TRP A 276 -3.34 -4.18 -4.60
C TRP A 276 -4.20 -5.14 -5.42
N ALA A 277 -3.68 -6.35 -5.59
CA ALA A 277 -4.43 -7.50 -6.10
C ALA A 277 -3.64 -8.74 -5.66
N PHE A 278 -4.29 -9.90 -5.67
CA PHE A 278 -3.58 -11.15 -5.47
C PHE A 278 -4.25 -12.26 -6.28
N ASP A 279 -3.51 -13.34 -6.56
CA ASP A 279 -4.00 -14.48 -7.34
C ASP A 279 -4.64 -15.58 -6.50
N ASP A 280 -5.36 -16.45 -7.19
CA ASP A 280 -6.17 -17.51 -6.61
C ASP A 280 -6.42 -18.47 -7.78
N GLY A 281 -5.62 -19.54 -7.83
CA GLY A 281 -5.48 -20.32 -9.06
C GLY A 281 -5.23 -19.39 -10.23
N ASN A 282 -6.20 -19.32 -11.16
CA ASN A 282 -6.15 -18.41 -12.31
C ASN A 282 -7.09 -17.23 -12.17
N ASP A 283 -7.63 -17.02 -10.97
CA ASP A 283 -8.50 -15.87 -10.70
C ASP A 283 -7.76 -14.76 -9.95
N VAL A 284 -8.25 -13.53 -10.08
CA VAL A 284 -7.66 -12.42 -9.36
C VAL A 284 -8.66 -11.76 -8.42
N TRP A 285 -8.33 -11.71 -7.14
CA TRP A 285 -9.02 -10.78 -6.22
C TRP A 285 -8.36 -9.39 -6.28
N MET A 286 -9.17 -8.33 -6.26
CA MET A 286 -8.65 -6.97 -6.37
C MET A 286 -9.63 -5.92 -5.88
N GLY A 287 -9.10 -4.86 -5.29
CA GLY A 287 -9.90 -3.71 -4.95
C GLY A 287 -9.54 -2.59 -5.91
N ARG A 288 -10.35 -1.52 -5.92
CA ARG A 288 -10.07 -0.30 -6.67
C ARG A 288 -11.08 0.80 -6.31
N THR A 289 -10.79 2.05 -6.67
CA THR A 289 -11.77 3.12 -6.48
C THR A 289 -12.96 2.91 -7.42
N ILE A 290 -14.17 3.05 -6.89
CA ILE A 290 -15.37 2.86 -7.70
C ILE A 290 -15.36 3.85 -8.88
N ASN A 291 -15.13 5.12 -8.57
CA ASN A 291 -14.97 6.18 -9.58
C ASN A 291 -13.67 5.97 -10.38
N GLU A 292 -13.75 6.20 -11.68
CA GLU A 292 -12.66 5.85 -12.61
C GLU A 292 -11.56 6.89 -12.73
N THR A 293 -11.93 8.17 -12.60
CA THR A 293 -10.99 9.27 -12.82
C THR A 293 -10.38 9.81 -11.52
N SER A 294 -11.09 9.62 -10.39
CA SER A 294 -10.66 10.15 -9.09
C SER A 294 -10.75 9.14 -7.94
N ARG A 295 -10.28 9.54 -6.76
CA ARG A 295 -10.20 8.66 -5.60
C ARG A 295 -11.48 8.66 -4.76
N LEU A 296 -12.61 8.36 -5.41
CA LEU A 296 -13.90 8.26 -4.71
C LEU A 296 -14.42 6.84 -4.71
N GLY A 297 -15.07 6.48 -3.60
CA GLY A 297 -15.55 5.12 -3.36
C GLY A 297 -14.43 4.12 -3.36
N TYR A 298 -14.74 2.88 -2.97
CA TYR A 298 -13.82 1.77 -3.03
C TYR A 298 -14.60 0.46 -3.10
N GLU A 299 -14.13 -0.44 -3.95
CA GLU A 299 -14.81 -1.71 -4.18
C GLU A 299 -13.81 -2.85 -4.28
N THR A 300 -14.30 -4.06 -4.04
CA THR A 300 -13.52 -5.27 -4.25
C THR A 300 -14.36 -6.23 -5.09
N PHE A 301 -13.68 -7.11 -5.81
CA PHE A 301 -14.32 -8.23 -6.51
C PHE A 301 -13.31 -9.28 -6.95
N LYS A 302 -13.81 -10.42 -7.40
CA LYS A 302 -12.98 -11.47 -7.99
C LYS A 302 -13.22 -11.53 -9.50
N VAL A 303 -12.17 -11.29 -10.30
CA VAL A 303 -12.28 -11.54 -11.73
C VAL A 303 -11.95 -13.00 -12.05
N ILE A 304 -12.97 -13.69 -12.57
CA ILE A 304 -12.84 -15.09 -12.99
C ILE A 304 -11.91 -15.14 -14.19
N GLU A 305 -10.88 -15.97 -14.11
CA GLU A 305 -9.83 -16.03 -15.13
C GLU A 305 -9.02 -14.75 -15.20
N GLY A 306 -9.23 -13.87 -14.23
CA GLY A 306 -8.61 -12.55 -14.21
C GLY A 306 -7.10 -12.54 -14.09
N TRP A 307 -6.52 -13.62 -13.57
CA TRP A 307 -5.07 -13.67 -13.40
C TRP A 307 -4.31 -13.99 -14.69
N SER A 308 -4.87 -14.88 -15.51
CA SER A 308 -4.15 -15.39 -16.68
C SER A 308 -4.78 -15.05 -18.04
N ASN A 309 -5.88 -14.29 -18.02
CA ASN A 309 -6.63 -13.99 -19.25
C ASN A 309 -7.00 -12.51 -19.36
N PRO A 310 -6.28 -11.77 -20.22
CA PRO A 310 -6.42 -10.32 -20.34
C PRO A 310 -7.68 -9.85 -21.05
N LYS A 311 -8.50 -10.80 -21.51
CA LYS A 311 -9.76 -10.50 -22.20
C LYS A 311 -10.97 -10.62 -21.26
N SER A 312 -10.81 -11.40 -20.18
CA SER A 312 -11.89 -11.64 -19.21
C SER A 312 -12.25 -10.42 -18.38
N LYS A 313 -13.54 -10.09 -18.38
CA LYS A 313 -14.09 -9.02 -17.55
C LYS A 313 -15.28 -9.57 -16.79
N LEU A 314 -15.13 -10.80 -16.31
CA LEU A 314 -16.20 -11.52 -15.62
C LEU A 314 -16.02 -11.46 -14.10
N GLN A 315 -16.49 -10.37 -13.50
CA GLN A 315 -16.39 -10.17 -12.05
C GLN A 315 -17.47 -10.90 -11.25
N ILE A 316 -17.06 -11.48 -10.12
CA ILE A 316 -18.00 -12.04 -9.17
C ILE A 316 -17.59 -11.61 -7.76
N ASN A 317 -18.56 -11.64 -6.84
CA ASN A 317 -18.32 -11.37 -5.42
C ASN A 317 -17.90 -9.94 -5.17
N ARG A 318 -18.60 -9.03 -5.83
CA ARG A 318 -18.37 -7.61 -5.58
C ARG A 318 -18.69 -7.30 -4.12
N GLN A 319 -17.97 -6.33 -3.54
CA GLN A 319 -18.32 -5.70 -2.26
C GLN A 319 -17.97 -4.21 -2.32
N VAL A 320 -18.93 -3.36 -1.95
CA VAL A 320 -18.68 -1.94 -1.74
C VAL A 320 -18.01 -1.76 -0.38
N ILE A 321 -16.74 -1.38 -0.35
CA ILE A 321 -16.07 -1.06 0.90
C ILE A 321 -16.41 0.36 1.36
N VAL A 322 -16.29 1.33 0.45
CA VAL A 322 -16.71 2.72 0.67
C VAL A 322 -17.59 3.12 -0.52
N ASP A 323 -18.74 3.75 -0.24
CA ASP A 323 -19.69 4.09 -1.30
C ASP A 323 -19.12 5.17 -2.25
N ARG A 324 -19.67 5.23 -3.47
CA ARG A 324 -19.08 6.01 -4.57
C ARG A 324 -19.10 7.51 -4.33
N GLY A 325 -19.89 7.97 -3.38
CA GLY A 325 -20.02 9.40 -3.09
C GLY A 325 -19.16 9.81 -1.90
N ASN A 326 -18.36 8.87 -1.40
CA ASN A 326 -17.43 9.15 -0.31
C ASN A 326 -15.97 8.97 -0.74
N ARG A 327 -15.06 9.64 -0.04
CA ARG A 327 -13.67 9.74 -0.49
C ARG A 327 -12.86 8.54 -0.08
N SER A 328 -12.01 8.04 -0.97
CA SER A 328 -11.12 6.91 -0.67
C SER A 328 -9.62 7.26 -0.83
N GLY A 329 -8.82 6.31 -1.33
CA GLY A 329 -7.42 6.59 -1.65
C GLY A 329 -6.56 5.35 -1.74
N TYR A 330 -5.37 5.44 -1.18
CA TYR A 330 -4.39 4.36 -1.24
C TYR A 330 -4.95 3.11 -0.59
N SER A 331 -4.55 1.97 -1.09
CA SER A 331 -4.87 0.73 -0.43
C SER A 331 -3.71 -0.19 -0.71
N GLY A 332 -3.54 -1.23 0.11
CA GLY A 332 -2.46 -2.16 -0.06
C GLY A 332 -2.77 -3.47 0.64
N ILE A 333 -2.03 -4.51 0.31
CA ILE A 333 -2.31 -5.81 0.91
C ILE A 333 -1.55 -5.88 2.24
N PHE A 334 -1.95 -6.84 3.07
CA PHE A 334 -1.10 -7.37 4.14
C PHE A 334 -1.59 -8.77 4.42
N SER A 335 -0.71 -9.60 4.96
CA SER A 335 -0.98 -11.01 5.09
C SER A 335 -0.77 -11.48 6.52
N VAL A 336 -1.71 -12.28 7.01
CA VAL A 336 -1.75 -12.73 8.39
C VAL A 336 -1.75 -14.27 8.40
N GLU A 337 -0.82 -14.86 9.14
CA GLU A 337 -0.74 -16.30 9.26
C GLU A 337 -1.86 -16.78 10.20
N GLY A 338 -2.88 -17.40 9.61
CA GLY A 338 -3.80 -18.26 10.34
C GLY A 338 -3.10 -19.57 10.71
N LYS A 339 -3.85 -20.51 11.31
CA LYS A 339 -3.34 -21.78 11.83
C LYS A 339 -2.99 -22.82 10.74
N SER A 340 -3.76 -22.79 9.64
CA SER A 340 -3.55 -23.75 8.55
C SER A 340 -3.05 -23.07 7.27
N CYS A 341 -3.22 -21.76 7.19
CA CYS A 341 -3.10 -21.06 5.94
C CYS A 341 -2.81 -19.57 6.12
N ILE A 342 -2.40 -18.90 5.04
CA ILE A 342 -2.14 -17.47 5.07
C ILE A 342 -3.34 -16.66 4.57
N ASN A 343 -3.86 -15.79 5.42
CA ASN A 343 -4.95 -14.91 5.02
C ASN A 343 -4.40 -13.71 4.30
N ARG A 344 -5.21 -13.12 3.42
CA ARG A 344 -4.86 -11.86 2.79
C ARG A 344 -5.88 -10.83 3.23
N CYS A 345 -5.41 -9.65 3.65
CA CYS A 345 -6.26 -8.54 4.09
C CYS A 345 -5.85 -7.28 3.36
N PHE A 346 -6.55 -6.16 3.62
CA PHE A 346 -6.23 -4.90 2.97
C PHE A 346 -6.78 -3.70 3.75
N TYR A 347 -6.10 -2.57 3.62
CA TYR A 347 -6.50 -1.34 4.31
C TYR A 347 -6.93 -0.35 3.23
N VAL A 348 -7.72 0.67 3.61
CA VAL A 348 -8.06 1.73 2.67
C VAL A 348 -7.90 3.10 3.33
N GLU A 349 -7.08 3.93 2.70
CA GLU A 349 -6.85 5.30 3.12
C GLU A 349 -8.07 6.16 2.74
N LEU A 350 -8.69 6.77 3.74
CA LEU A 350 -9.79 7.69 3.54
C LEU A 350 -9.28 9.10 3.69
N ILE A 351 -8.85 9.68 2.56
CA ILE A 351 -8.28 11.02 2.53
C ILE A 351 -9.38 12.06 2.63
N ARG A 352 -9.20 13.01 3.54
CA ARG A 352 -10.05 14.19 3.62
C ARG A 352 -9.19 15.46 3.54
N GLY A 353 -9.77 16.54 3.02
CA GLY A 353 -9.10 17.84 2.97
C GLY A 353 -8.71 18.30 1.58
N ARG A 354 -7.65 19.09 1.51
CA ARG A 354 -7.12 19.64 0.25
C ARG A 354 -6.45 18.58 -0.61
N LYS A 355 -6.37 18.78 -1.93
CA LYS A 355 -6.95 19.96 -2.61
C LYS A 355 -8.43 19.79 -2.92
N GLU A 356 -8.87 18.53 -2.97
CA GLU A 356 -10.23 18.18 -3.42
C GLU A 356 -11.37 18.77 -2.58
N GLU A 357 -11.16 18.91 -1.27
CA GLU A 357 -12.17 19.49 -0.37
C GLU A 357 -11.59 20.76 0.27
N THR A 358 -12.30 21.88 0.13
CA THR A 358 -11.69 23.18 0.42
C THR A 358 -12.28 23.89 1.64
N GLU A 359 -13.08 23.16 2.42
CA GLU A 359 -13.73 23.71 3.61
C GLU A 359 -12.73 23.83 4.76
N VAL A 360 -11.57 23.19 4.61
CA VAL A 360 -10.47 23.26 5.57
C VAL A 360 -9.14 23.59 4.86
N LEU A 361 -8.06 23.67 5.62
CA LEU A 361 -6.71 23.97 5.07
C LEU A 361 -5.80 22.73 5.00
N TRP A 362 -6.19 21.65 5.65
CA TRP A 362 -5.33 20.49 5.85
C TRP A 362 -5.58 19.31 4.90
N THR A 363 -4.67 18.34 4.93
CA THR A 363 -4.89 17.06 4.26
C THR A 363 -4.51 15.99 5.25
N SER A 364 -5.45 15.07 5.50
CA SER A 364 -5.25 13.97 6.42
C SER A 364 -6.09 12.77 6.00
N ASN A 365 -5.99 11.69 6.78
CA ASN A 365 -6.77 10.48 6.49
C ASN A 365 -7.24 9.74 7.74
N SER A 366 -8.22 8.87 7.54
CA SER A 366 -8.57 7.82 8.48
C SER A 366 -8.40 6.50 7.73
N ILE A 367 -8.53 5.38 8.40
CA ILE A 367 -8.37 4.09 7.72
C ILE A 367 -9.54 3.13 7.98
N VAL A 368 -9.66 2.17 7.06
CA VAL A 368 -10.57 1.05 7.21
C VAL A 368 -9.82 -0.22 6.73
N VAL A 369 -10.14 -1.36 7.34
CA VAL A 369 -9.38 -2.58 7.12
C VAL A 369 -10.34 -3.77 7.03
N PHE A 370 -10.17 -4.61 6.01
CA PHE A 370 -10.94 -5.85 5.84
C PHE A 370 -10.00 -7.03 5.72
N CYS A 371 -10.45 -8.19 6.19
CA CYS A 371 -9.68 -9.43 6.02
C CYS A 371 -10.44 -10.51 5.28
N GLY A 372 -9.70 -11.30 4.52
CA GLY A 372 -10.23 -12.46 3.84
C GLY A 372 -11.05 -13.33 4.75
N THR A 373 -12.06 -13.97 4.18
CA THR A 373 -12.93 -14.86 4.92
C THR A 373 -13.31 -16.05 4.06
N SER A 374 -13.34 -17.24 4.66
CA SER A 374 -13.88 -18.41 3.96
C SER A 374 -15.31 -18.64 4.42
N GLY A 375 -15.78 -17.78 5.31
CA GLY A 375 -17.18 -17.76 5.75
C GLY A 375 -18.03 -16.85 4.87
N THR A 376 -19.05 -16.22 5.45
CA THR A 376 -20.02 -15.44 4.69
C THR A 376 -20.12 -14.00 5.21
N TYR A 377 -20.76 -13.13 4.44
CA TYR A 377 -20.78 -11.70 4.76
C TYR A 377 -21.94 -11.02 4.03
N GLY A 378 -22.24 -9.78 4.42
CA GLY A 378 -23.28 -9.02 3.78
C GLY A 378 -22.76 -7.73 3.16
N THR A 379 -23.39 -6.62 3.51
CA THR A 379 -23.12 -5.36 2.81
C THR A 379 -23.09 -4.15 3.75
N GLY A 380 -22.45 -3.08 3.27
CA GLY A 380 -22.47 -1.79 3.93
C GLY A 380 -21.54 -0.80 3.24
N SER A 381 -21.14 0.21 4.00
CA SER A 381 -20.24 1.24 3.54
C SER A 381 -19.60 1.76 4.80
N TRP A 382 -18.30 2.02 4.73
CA TRP A 382 -17.59 2.51 5.90
C TRP A 382 -16.75 3.73 5.52
N PRO A 383 -17.41 4.86 5.26
CA PRO A 383 -16.70 6.08 4.87
C PRO A 383 -15.99 6.72 6.06
N ASP A 384 -15.29 7.81 5.80
CA ASP A 384 -14.58 8.53 6.84
C ASP A 384 -15.55 8.98 7.95
N GLY A 385 -16.65 9.56 7.52
CA GLY A 385 -17.68 10.05 8.44
C GLY A 385 -17.48 11.39 9.09
N ALA A 386 -16.44 12.13 8.70
CA ALA A 386 -16.23 13.47 9.28
C ALA A 386 -16.98 14.56 8.51
N ASP A 387 -17.41 15.57 9.24
CA ASP A 387 -18.14 16.72 8.68
C ASP A 387 -17.19 17.91 8.54
N LEU A 388 -16.65 18.12 7.34
CA LEU A 388 -15.63 19.15 7.14
C LEU A 388 -16.15 20.57 7.31
N ASN A 389 -17.46 20.73 7.14
CA ASN A 389 -18.13 22.00 7.34
C ASN A 389 -18.15 22.42 8.81
N LEU A 390 -17.92 21.45 9.69
CA LEU A 390 -17.92 21.68 11.12
C LEU A 390 -16.50 21.71 11.73
N MET A 391 -15.60 20.91 11.15
CA MET A 391 -14.20 20.76 11.55
C MET A 391 -13.44 22.02 11.98
N PRO A 392 -12.46 21.87 12.93
CA PRO A 392 -11.52 22.88 13.41
C PRO A 392 -11.21 23.97 12.37
N ILE A 393 -11.96 25.07 12.48
CA ILE A 393 -11.90 26.21 11.56
C ILE A 393 -10.76 27.14 11.98
#